data_5IYW
#
_entry.id   5IYW
#
_cell.length_a   90.450
_cell.length_b   107.110
_cell.length_c   136.730
_cell.angle_alpha   90.000
_cell.angle_beta   90.000
_cell.angle_gamma   90.000
#
_symmetry.space_group_name_H-M   'I 2 2 2'
#
loop_
_entity.id
_entity.type
_entity.pdbx_description
1 polymer VP1
2 branched alpha-L-fucopyranose-(1-3)-[beta-D-galactopyranose-(1-4)]alpha-D-glucopyranose
3 non-polymer 1,2-ETHANEDIOL
4 non-polymer 'CITRATE ANION'
5 water water
#
_entity_poly.entity_id   1
_entity_poly.type   'polypeptide(L)'
_entity_poly.pdbx_seq_one_letter_code
;SKPFTVPILTVEEMSNSRFPIPLEKLYTGPSSAFVVQPQNGRCTTDGVLLGTTQLSAVNICNFRGDVTRVGISHDYTMNL
VSQNWNNYDPTEEIPAPLGTPDFVGKIQGLLTQTTRADGSTRAHKATVSTGSVHFTPKLGSVQFTTDTNNDFQTGQNTKF
TPVGVIQDGDHHQNEPQQWVLPNYSGTSGHNVHLAPAVAPTFPGEQLLFFRSTMPGCSGYPNMNLDCLLPQEWVSHFYQE
AAPAQSDVALLRFVNPDTGRVLFECKLHKSGYITVAHTGPYDLVIPPNGYFRFDSWVNQFYTLAPM
;
_entity_poly.pdbx_strand_id   A,B
#
# COMPACT_ATOMS: atom_id res chain seq x y z
N LYS A 2 -17.27 16.68 -17.50
CA LYS A 2 -15.87 16.33 -17.26
C LYS A 2 -15.51 15.05 -18.02
N PRO A 3 -14.47 15.12 -18.87
CA PRO A 3 -14.05 13.93 -19.62
C PRO A 3 -13.56 12.79 -18.75
N PHE A 4 -14.06 11.60 -19.03
CA PHE A 4 -13.62 10.40 -18.33
C PHE A 4 -12.21 10.00 -18.77
N THR A 5 -11.41 9.53 -17.82
CA THR A 5 -10.07 9.00 -18.09
C THR A 5 -9.79 7.82 -17.15
N VAL A 6 -8.84 6.99 -17.53
CA VAL A 6 -8.24 6.02 -16.60
C VAL A 6 -6.77 6.40 -16.39
N PRO A 7 -6.17 5.96 -15.28
CA PRO A 7 -4.76 6.32 -15.02
C PRO A 7 -3.81 5.82 -16.12
N ILE A 8 -2.68 6.49 -16.28
CA ILE A 8 -1.66 6.09 -17.26
C ILE A 8 -0.60 5.17 -16.65
N LEU A 9 -0.76 4.81 -15.38
CA LEU A 9 0.18 3.90 -14.73
C LEU A 9 0.20 2.52 -15.40
N THR A 10 1.39 1.94 -15.48
CA THR A 10 1.53 0.59 -16.00
C THR A 10 1.06 -0.42 -14.94
N VAL A 11 0.84 -1.66 -15.36
CA VAL A 11 0.35 -2.69 -14.45
C VAL A 11 1.24 -2.83 -13.23
N GLU A 12 2.54 -2.94 -13.42
CA GLU A 12 3.47 -3.16 -12.31
C GLU A 12 3.72 -1.91 -11.45
N GLU A 13 3.19 -0.75 -11.87
CA GLU A 13 3.24 0.47 -11.04
C GLU A 13 2.04 0.56 -10.10
N MET A 14 1.14 -0.40 -10.18
CA MET A 14 -0.12 -0.35 -9.44
C MET A 14 -0.22 -1.47 -8.39
N SER A 15 -1.29 -1.39 -7.58
CA SER A 15 -1.48 -2.26 -6.43
C SER A 15 -2.78 -3.06 -6.55
N ASN A 16 -2.76 -4.28 -6.02
CA ASN A 16 -3.95 -5.11 -5.94
C ASN A 16 -4.94 -4.43 -4.98
N SER A 17 -6.21 -4.43 -5.35
CA SER A 17 -7.25 -3.83 -4.54
C SER A 17 -7.88 -4.82 -3.53
N ARG A 18 -7.37 -6.06 -3.48
CA ARG A 18 -7.91 -7.07 -2.55
C ARG A 18 -6.88 -7.56 -1.51
N PHE A 19 -5.64 -7.05 -1.59
CA PHE A 19 -4.60 -7.43 -0.61
C PHE A 19 -3.44 -6.46 -0.86
N PRO A 20 -2.68 -6.07 0.20
CA PRO A 20 -1.69 -4.98 0.03
C PRO A 20 -0.36 -5.42 -0.61
N ILE A 21 -0.45 -5.77 -1.89
CA ILE A 21 0.69 -6.25 -2.67
C ILE A 21 0.60 -5.67 -4.09
N PRO A 22 1.74 -5.59 -4.79
CA PRO A 22 1.70 -5.01 -6.14
C PRO A 22 1.02 -5.93 -7.16
N LEU A 23 0.46 -5.33 -8.20
CA LEU A 23 0.03 -6.11 -9.35
C LEU A 23 1.22 -6.71 -10.07
N GLU A 24 0.99 -7.88 -10.68
CA GLU A 24 2.04 -8.57 -11.41
C GLU A 24 1.76 -8.74 -12.91
N LYS A 25 0.51 -8.99 -13.26
CA LYS A 25 0.19 -9.45 -14.61
C LYS A 25 -1.31 -9.39 -14.86
N LEU A 26 -1.72 -9.60 -16.12
CA LEU A 26 -3.12 -9.63 -16.54
C LEU A 26 -3.48 -11.06 -16.96
N TYR A 27 -4.68 -11.50 -16.58
CA TYR A 27 -5.14 -12.87 -16.87
C TYR A 27 -6.60 -12.80 -17.30
N THR A 28 -6.97 -13.58 -18.32
CA THR A 28 -8.38 -13.79 -18.64
C THR A 28 -8.66 -15.28 -18.61
N GLY A 29 -9.87 -15.64 -18.21
CA GLY A 29 -10.31 -17.01 -18.25
C GLY A 29 -11.82 -17.12 -18.09
N PRO A 30 -12.37 -18.33 -18.30
CA PRO A 30 -13.81 -18.54 -18.06
C PRO A 30 -14.14 -18.43 -16.58
N SER A 31 -15.34 -17.93 -16.30
CA SER A 31 -15.80 -17.83 -14.93
C SER A 31 -17.27 -18.15 -14.81
N SER A 32 -17.78 -18.95 -15.76
CA SER A 32 -19.18 -19.32 -15.76
C SER A 32 -19.48 -20.30 -14.66
N ALA A 33 -18.49 -21.08 -14.27
CA ALA A 33 -18.71 -22.19 -13.35
C ALA A 33 -18.76 -21.76 -11.88
N PHE A 34 -18.48 -20.49 -11.59
CA PHE A 34 -18.43 -20.02 -10.20
C PHE A 34 -18.82 -18.55 -10.06
N VAL A 35 -19.02 -18.09 -8.83
CA VAL A 35 -19.51 -16.74 -8.57
C VAL A 35 -18.36 -15.77 -8.37
N VAL A 36 -18.33 -14.72 -9.18
CA VAL A 36 -17.33 -13.67 -9.05
C VAL A 36 -17.95 -12.46 -8.36
N GLN A 37 -17.71 -12.35 -7.07
CA GLN A 37 -18.38 -11.33 -6.26
C GLN A 37 -17.43 -10.74 -5.22
N PRO A 38 -16.22 -10.33 -5.65
CA PRO A 38 -15.33 -9.70 -4.67
C PRO A 38 -15.94 -8.41 -4.12
N GLN A 39 -15.57 -8.04 -2.89
CA GLN A 39 -16.13 -6.86 -2.22
C GLN A 39 -15.15 -5.71 -2.07
N ASN A 40 -13.84 -6.03 -2.12
CA ASN A 40 -12.79 -5.02 -2.26
C ASN A 40 -12.45 -4.82 -3.73
N GLY A 41 -12.01 -3.60 -4.08
CA GLY A 41 -11.76 -3.25 -5.46
C GLY A 41 -13.01 -3.08 -6.30
N ARG A 42 -14.06 -2.54 -5.68
CA ARG A 42 -15.36 -2.35 -6.33
C ARG A 42 -15.71 -0.87 -6.32
N CYS A 43 -15.86 -0.31 -7.51
CA CYS A 43 -16.11 1.11 -7.68
C CYS A 43 -16.69 1.34 -9.05
N THR A 44 -17.67 2.23 -9.17
CA THR A 44 -18.22 2.57 -10.49
C THR A 44 -17.28 3.55 -11.21
N THR A 45 -17.42 3.68 -12.53
CA THR A 45 -16.52 4.56 -13.26
C THR A 45 -16.75 6.03 -12.90
N ASP A 46 -17.94 6.35 -12.38
CA ASP A 46 -18.20 7.71 -11.92
C ASP A 46 -17.95 7.90 -10.40
N GLY A 47 -17.26 6.93 -9.79
CA GLY A 47 -16.63 7.13 -8.48
C GLY A 47 -17.45 6.77 -7.27
N VAL A 48 -18.41 5.87 -7.43
CA VAL A 48 -19.18 5.38 -6.28
C VAL A 48 -18.55 4.10 -5.76
N LEU A 49 -18.12 4.15 -4.51
CA LEU A 49 -17.49 2.97 -3.90
C LEU A 49 -18.56 1.95 -3.53
N LEU A 50 -18.22 0.67 -3.69
CA LEU A 50 -19.17 -0.42 -3.49
C LEU A 50 -18.60 -1.46 -2.51
N GLY A 51 -19.46 -2.31 -1.98
CA GLY A 51 -19.03 -3.41 -1.13
C GLY A 51 -18.30 -2.92 0.11
N THR A 52 -17.10 -3.45 0.35
CA THR A 52 -16.26 -3.04 1.47
C THR A 52 -15.08 -2.19 0.99
N THR A 53 -15.20 -1.58 -0.19
CA THR A 53 -14.08 -0.87 -0.77
C THR A 53 -13.80 0.50 -0.11
N GLN A 54 -12.52 0.70 0.22
CA GLN A 54 -12.02 1.99 0.66
C GLN A 54 -10.81 2.40 -0.21
N LEU A 55 -10.14 3.49 0.17
CA LEU A 55 -9.29 4.20 -0.78
C LEU A 55 -7.80 3.86 -0.78
N SER A 56 -7.25 3.24 0.26
CA SER A 56 -5.83 2.94 0.18
CA SER A 56 -5.81 2.96 0.28
C SER A 56 -5.47 1.47 0.28
N ALA A 57 -4.47 1.06 -0.50
CA ALA A 57 -4.10 -0.35 -0.53
C ALA A 57 -3.50 -0.78 0.81
N VAL A 58 -2.83 0.13 1.51
CA VAL A 58 -2.18 -0.29 2.75
C VAL A 58 -3.16 -0.65 3.89
N ASN A 59 -4.45 -0.36 3.74
CA ASN A 59 -5.46 -0.65 4.79
C ASN A 59 -6.22 -1.98 4.57
N ILE A 60 -5.98 -2.63 3.44
CA ILE A 60 -6.72 -3.83 3.07
C ILE A 60 -6.28 -5.04 3.91
N CYS A 61 -7.26 -5.74 4.48
CA CYS A 61 -7.02 -6.91 5.33
C CYS A 61 -6.24 -6.56 6.60
N ASN A 62 -6.24 -5.28 6.98
CA ASN A 62 -5.71 -4.86 8.28
C ASN A 62 -6.84 -4.90 9.30
N PHE A 63 -6.51 -5.09 10.57
CA PHE A 63 -7.51 -5.01 11.64
C PHE A 63 -6.92 -4.23 12.82
N ARG A 64 -7.78 -3.48 13.50
CA ARG A 64 -7.40 -2.71 14.70
C ARG A 64 -8.43 -2.87 15.81
N GLY A 65 -7.95 -2.85 17.05
CA GLY A 65 -8.85 -2.89 18.19
C GLY A 65 -8.13 -3.24 19.47
N ASP A 66 -8.90 -3.58 20.50
CA ASP A 66 -8.34 -4.17 21.71
C ASP A 66 -8.53 -5.68 21.64
N VAL A 67 -7.69 -6.41 22.37
CA VAL A 67 -7.76 -7.88 22.37
C VAL A 67 -7.91 -8.46 23.77
N THR A 68 -8.55 -9.63 23.81
CA THR A 68 -8.71 -10.41 25.03
C THR A 68 -8.42 -11.88 24.71
N ARG A 69 -7.70 -12.56 25.60
CA ARG A 69 -7.35 -13.96 25.38
C ARG A 69 -8.59 -14.84 25.49
N VAL A 70 -8.65 -15.87 24.64
CA VAL A 70 -9.69 -16.89 24.71
C VAL A 70 -9.23 -17.94 25.73
N GLY A 71 -9.86 -17.95 26.90
CA GLY A 71 -9.44 -18.85 27.96
C GLY A 71 -7.99 -18.58 28.33
N ILE A 72 -7.17 -19.63 28.45
CA ILE A 72 -5.72 -19.48 28.65
C ILE A 72 -4.94 -19.99 27.41
N SER A 73 -5.63 -19.99 26.27
CA SER A 73 -5.08 -20.47 25.00
C SER A 73 -4.20 -19.42 24.31
N HIS A 74 -3.73 -19.77 23.11
CA HIS A 74 -2.95 -18.87 22.27
C HIS A 74 -3.84 -18.04 21.35
N ASP A 75 -5.15 -18.15 21.47
CA ASP A 75 -6.08 -17.38 20.63
C ASP A 75 -6.53 -16.10 21.33
N TYR A 76 -6.77 -15.05 20.55
CA TYR A 76 -7.19 -13.73 21.04
C TYR A 76 -8.35 -13.21 20.20
N THR A 77 -9.35 -12.67 20.90
CA THR A 77 -10.46 -11.98 20.25
C THR A 77 -10.13 -10.50 20.13
N MET A 78 -10.38 -9.91 18.96
CA MET A 78 -10.20 -8.48 18.75
C MET A 78 -11.55 -7.81 18.56
N ASN A 79 -11.83 -6.81 19.41
CA ASN A 79 -13.00 -5.97 19.25
C ASN A 79 -12.65 -4.81 18.33
N LEU A 80 -13.19 -4.86 17.11
CA LEU A 80 -12.76 -4.00 16.02
C LEU A 80 -13.14 -2.54 16.21
N VAL A 81 -12.21 -1.67 15.82
CA VAL A 81 -12.44 -0.23 15.67
C VAL A 81 -12.03 0.16 14.26
N SER A 82 -12.20 1.44 13.93
CA SER A 82 -11.91 1.89 12.58
C SER A 82 -10.43 2.18 12.38
N GLN A 83 -10.08 2.54 11.15
CA GLN A 83 -8.70 2.82 10.76
C GLN A 83 -8.00 3.81 11.70
N ASN A 84 -8.75 4.78 12.23
CA ASN A 84 -8.19 5.80 13.11
C ASN A 84 -8.64 5.64 14.56
N TRP A 85 -9.02 4.40 14.91
CA TRP A 85 -9.26 3.96 16.29
C TRP A 85 -10.61 4.37 16.86
N ASN A 86 -11.49 4.88 16.02
CA ASN A 86 -12.83 5.24 16.46
C ASN A 86 -13.88 4.17 16.16
N ASN A 87 -15.14 4.48 16.42
CA ASN A 87 -16.17 3.45 16.39
C ASN A 87 -16.40 2.82 15.01
N TYR A 88 -16.60 1.50 15.02
CA TYR A 88 -17.21 0.80 13.89
C TYR A 88 -18.69 0.60 14.25
N ASP A 89 -19.56 1.01 13.34
CA ASP A 89 -21.01 0.94 13.52
C ASP A 89 -21.56 -0.23 12.70
N PRO A 90 -21.99 -1.31 13.38
CA PRO A 90 -22.51 -2.46 12.63
C PRO A 90 -23.81 -2.18 11.88
N THR A 91 -24.51 -1.09 12.21
CA THR A 91 -25.76 -0.77 11.52
C THR A 91 -25.55 -0.05 10.19
N GLU A 92 -24.32 0.38 9.91
CA GLU A 92 -24.02 0.98 8.62
C GLU A 92 -24.28 -0.06 7.53
N GLU A 93 -24.92 0.32 6.43
CA GLU A 93 -25.33 -0.65 5.40
C GLU A 93 -24.18 -1.01 4.44
N ILE A 94 -23.15 -1.61 5.02
CA ILE A 94 -22.04 -2.23 4.29
C ILE A 94 -21.91 -3.68 4.78
N PRO A 95 -21.26 -4.56 4.00
CA PRO A 95 -21.24 -5.98 4.40
C PRO A 95 -20.47 -6.27 5.70
N ALA A 96 -19.50 -5.39 6.00
CA ALA A 96 -18.52 -5.56 7.07
C ALA A 96 -17.69 -4.29 7.02
N PRO A 97 -16.77 -4.09 7.97
CA PRO A 97 -15.92 -2.88 7.89
C PRO A 97 -15.19 -2.76 6.55
N LEU A 98 -15.00 -1.52 6.10
CA LEU A 98 -14.26 -1.32 4.86
C LEU A 98 -12.86 -1.95 4.98
N GLY A 99 -12.46 -2.67 3.95
CA GLY A 99 -11.16 -3.34 3.93
C GLY A 99 -11.12 -4.78 4.45
N THR A 100 -12.23 -5.26 5.02
CA THR A 100 -12.34 -6.64 5.50
C THR A 100 -11.97 -7.63 4.39
N PRO A 101 -11.27 -8.74 4.72
CA PRO A 101 -11.00 -9.73 3.68
C PRO A 101 -12.29 -10.23 2.98
N ASP A 102 -12.21 -10.44 1.67
CA ASP A 102 -13.35 -10.89 0.85
C ASP A 102 -13.13 -12.27 0.24
N PHE A 103 -12.38 -13.12 0.95
CA PHE A 103 -12.20 -14.50 0.55
C PHE A 103 -12.09 -15.39 1.77
N VAL A 104 -12.41 -16.67 1.59
CA VAL A 104 -12.24 -17.67 2.64
C VAL A 104 -10.81 -18.19 2.60
N GLY A 105 -10.09 -17.98 3.70
CA GLY A 105 -8.70 -18.38 3.78
C GLY A 105 -8.11 -17.99 5.12
N LYS A 106 -6.91 -18.51 5.33
CA LYS A 106 -6.17 -18.29 6.58
C LYS A 106 -5.04 -17.31 6.28
N ILE A 107 -5.19 -16.10 6.80
CA ILE A 107 -4.28 -15.00 6.51
C ILE A 107 -3.32 -14.86 7.68
N GLN A 108 -2.02 -14.92 7.39
CA GLN A 108 -0.98 -14.83 8.41
C GLN A 108 -0.29 -13.47 8.32
N GLY A 109 0.08 -12.94 9.48
CA GLY A 109 0.78 -11.68 9.57
C GLY A 109 1.36 -11.52 10.95
N LEU A 110 1.57 -10.26 11.36
CA LEU A 110 1.98 -9.97 12.74
C LEU A 110 0.91 -9.17 13.44
N LEU A 111 0.63 -9.56 14.69
CA LEU A 111 -0.24 -8.82 15.58
C LEU A 111 0.67 -8.01 16.50
N THR A 112 0.53 -6.69 16.44
CA THR A 112 1.40 -5.77 17.19
C THR A 112 0.61 -4.95 18.20
N GLN A 113 1.28 -4.49 19.24
CA GLN A 113 0.61 -3.76 20.30
C GLN A 113 1.54 -2.78 21.00
N THR A 114 0.97 -1.65 21.42
CA THR A 114 1.69 -0.67 22.22
C THR A 114 0.94 -0.49 23.54
N THR A 115 1.69 -0.43 24.64
CA THR A 115 1.14 -0.08 25.95
C THR A 115 1.26 1.44 26.09
N ARG A 116 0.13 2.13 26.13
CA ARG A 116 0.17 3.58 26.03
C ARG A 116 0.89 4.24 27.21
N ALA A 117 0.75 3.69 28.41
CA ALA A 117 1.36 4.26 29.60
C ALA A 117 2.89 4.40 29.56
N ASP A 118 3.59 3.45 28.93
CA ASP A 118 5.06 3.47 28.94
C ASP A 118 5.73 3.31 27.58
N GLY A 119 4.96 3.17 26.50
CA GLY A 119 5.53 3.07 25.17
C GLY A 119 6.19 1.73 24.85
N SER A 120 5.98 0.73 25.70
CA SER A 120 6.47 -0.61 25.42
C SER A 120 5.65 -1.24 24.28
N THR A 121 6.33 -2.06 23.49
CA THR A 121 5.73 -2.63 22.28
C THR A 121 6.06 -4.12 22.12
N ARG A 122 5.31 -4.80 21.24
CA ARG A 122 5.39 -6.24 21.10
C ARG A 122 4.77 -6.69 19.79
N ALA A 123 5.19 -7.85 19.29
CA ALA A 123 4.71 -8.40 18.03
C ALA A 123 4.77 -9.92 18.07
N HIS A 124 3.72 -10.54 17.57
CA HIS A 124 3.62 -11.99 17.52
C HIS A 124 3.03 -12.47 16.20
N LYS A 125 3.57 -13.55 15.64
CA LYS A 125 2.99 -14.17 14.46
C LYS A 125 1.55 -14.56 14.78
N ALA A 126 0.65 -14.33 13.83
CA ALA A 126 -0.77 -14.52 14.05
C ALA A 126 -1.49 -14.84 12.76
N THR A 127 -2.55 -15.62 12.88
CA THR A 127 -3.37 -16.04 11.75
C THR A 127 -4.85 -15.77 12.04
N VAL A 128 -5.55 -15.24 11.03
CA VAL A 128 -7.00 -15.12 11.09
C VAL A 128 -7.59 -16.02 10.02
N SER A 129 -8.44 -16.94 10.46
CA SER A 129 -9.10 -17.89 9.58
C SER A 129 -10.46 -17.30 9.23
N THR A 130 -10.64 -16.84 8.00
CA THR A 130 -11.87 -16.15 7.67
C THR A 130 -13.06 -17.10 7.46
N GLY A 131 -12.80 -18.41 7.35
CA GLY A 131 -13.87 -19.41 7.30
C GLY A 131 -14.33 -19.90 8.67
N SER A 132 -13.67 -19.44 9.73
CA SER A 132 -13.98 -19.83 11.10
C SER A 132 -15.32 -19.25 11.56
N VAL A 133 -15.99 -19.98 12.46
CA VAL A 133 -17.24 -19.46 13.02
C VAL A 133 -16.99 -18.20 13.84
N HIS A 134 -15.74 -17.99 14.25
CA HIS A 134 -15.38 -16.81 15.02
C HIS A 134 -14.94 -15.61 14.18
N PHE A 135 -14.99 -15.77 12.84
CA PHE A 135 -14.77 -14.64 11.95
C PHE A 135 -16.10 -13.90 11.77
N THR A 136 -16.31 -12.86 12.58
CA THR A 136 -17.60 -12.17 12.60
C THR A 136 -17.40 -10.65 12.57
N PRO A 137 -16.70 -10.16 11.55
CA PRO A 137 -16.39 -8.73 11.51
C PRO A 137 -17.64 -7.83 11.46
N LYS A 138 -18.71 -8.30 10.82
CA LYS A 138 -19.95 -7.52 10.76
C LYS A 138 -20.61 -7.41 12.14
N LEU A 139 -20.24 -8.32 13.06
CA LEU A 139 -20.70 -8.23 14.45
C LEU A 139 -19.75 -7.39 15.29
N GLY A 140 -18.57 -7.10 14.75
CA GLY A 140 -17.59 -6.26 15.45
C GLY A 140 -16.40 -7.00 16.03
N SER A 141 -16.21 -8.28 15.68
CA SER A 141 -15.08 -9.04 16.23
C SER A 141 -14.54 -10.11 15.30
N VAL A 142 -13.23 -10.37 15.42
CA VAL A 142 -12.60 -11.55 14.82
C VAL A 142 -11.65 -12.19 15.81
N GLN A 143 -11.27 -13.44 15.54
CA GLN A 143 -10.37 -14.19 16.40
C GLN A 143 -9.07 -14.53 15.66
N PHE A 144 -7.94 -14.37 16.36
CA PHE A 144 -6.61 -14.70 15.86
C PHE A 144 -6.03 -15.87 16.64
N THR A 145 -5.31 -16.75 15.96
CA THR A 145 -4.45 -17.71 16.63
C THR A 145 -3.04 -17.12 16.59
N THR A 146 -2.35 -17.09 17.74
CA THR A 146 -1.06 -16.43 17.83
C THR A 146 -0.01 -17.36 18.40
N ASP A 147 1.24 -16.90 18.42
CA ASP A 147 2.33 -17.70 19.00
C ASP A 147 2.59 -17.35 20.47
N THR A 148 1.65 -16.66 21.11
CA THR A 148 1.77 -16.40 22.55
C THR A 148 0.49 -16.73 23.29
N ASN A 149 0.62 -17.08 24.57
CA ASN A 149 -0.54 -17.24 25.43
C ASN A 149 -0.52 -16.30 26.63
N ASN A 150 0.31 -15.26 26.59
CA ASN A 150 0.47 -14.39 27.75
CA ASN A 150 0.37 -14.34 27.73
C ASN A 150 0.97 -12.95 27.49
N ASP A 151 1.47 -12.66 26.29
CA ASP A 151 2.18 -11.38 26.11
C ASP A 151 1.26 -10.19 25.79
N PHE A 152 0.09 -10.44 25.19
CA PHE A 152 -0.82 -9.33 24.86
C PHE A 152 -1.62 -8.83 26.06
N GLN A 153 -1.67 -7.51 26.21
CA GLN A 153 -2.38 -6.88 27.32
C GLN A 153 -3.78 -6.44 26.90
N THR A 154 -4.69 -6.31 27.88
CA THR A 154 -6.05 -5.82 27.62
C THR A 154 -6.09 -4.28 27.59
N GLY A 155 -7.07 -3.74 26.87
CA GLY A 155 -7.29 -2.30 26.81
C GLY A 155 -6.21 -1.49 26.11
N GLN A 156 -5.41 -2.15 25.27
CA GLN A 156 -4.30 -1.51 24.57
C GLN A 156 -4.47 -1.64 23.06
N ASN A 157 -4.17 -0.56 22.34
CA ASN A 157 -4.24 -0.53 20.88
C ASN A 157 -3.43 -1.65 20.23
N THR A 158 -4.11 -2.44 19.41
CA THR A 158 -3.52 -3.61 18.78
C THR A 158 -3.86 -3.58 17.29
N LYS A 159 -2.87 -3.94 16.45
CA LYS A 159 -3.03 -3.95 14.98
C LYS A 159 -2.59 -5.27 14.39
N PHE A 160 -3.35 -5.79 13.42
CA PHE A 160 -2.92 -6.91 12.60
C PHE A 160 -2.50 -6.38 11.23
N THR A 161 -1.26 -6.66 10.87
CA THR A 161 -0.74 -6.36 9.55
C THR A 161 -0.66 -7.67 8.76
N PRO A 162 -1.39 -7.76 7.62
CA PRO A 162 -1.35 -9.02 6.86
C PRO A 162 -0.07 -9.19 6.07
N VAL A 163 0.34 -10.43 5.85
CA VAL A 163 1.51 -10.73 5.02
C VAL A 163 1.19 -11.70 3.90
N GLY A 164 0.49 -12.79 4.21
CA GLY A 164 0.19 -13.80 3.22
C GLY A 164 -0.78 -14.83 3.73
N VAL A 165 -0.78 -15.99 3.09
CA VAL A 165 -1.77 -17.03 3.37
C VAL A 165 -1.13 -18.39 3.67
N ILE A 166 -1.84 -19.22 4.43
CA ILE A 166 -1.38 -20.58 4.74
C ILE A 166 -2.39 -21.62 4.25
N GLN A 167 -1.95 -22.87 4.23
CA GLN A 167 -2.81 -24.02 3.92
C GLN A 167 -2.49 -25.20 4.81
N ASP A 168 -3.51 -26.04 5.06
CA ASP A 168 -3.38 -27.33 5.75
C ASP A 168 -4.09 -28.44 4.97
N GLY A 169 -3.46 -29.62 4.86
CA GLY A 169 -4.12 -30.78 4.28
C GLY A 169 -3.41 -31.40 3.08
N HIS A 172 -3.52 -30.38 -1.98
CA HIS A 172 -2.70 -29.17 -1.99
C HIS A 172 -3.40 -28.10 -2.79
N GLN A 173 -3.10 -26.85 -2.47
CA GLN A 173 -3.75 -25.70 -3.09
C GLN A 173 -5.30 -25.68 -2.97
N ASN A 174 -5.86 -26.34 -1.96
CA ASN A 174 -7.31 -26.32 -1.73
C ASN A 174 -7.87 -25.07 -1.03
N GLU A 175 -6.97 -24.31 -0.40
CA GLU A 175 -7.32 -23.04 0.23
C GLU A 175 -6.13 -22.11 0.03
N PRO A 176 -6.34 -20.78 0.09
CA PRO A 176 -7.62 -20.05 0.13
C PRO A 176 -8.51 -20.32 -1.07
N GLN A 177 -9.76 -19.88 -0.94
CA GLN A 177 -10.76 -19.92 -2.01
CA GLN A 177 -10.72 -19.92 -2.04
C GLN A 177 -11.09 -18.47 -2.36
N GLN A 178 -10.41 -17.90 -3.35
CA GLN A 178 -10.53 -16.48 -3.61
C GLN A 178 -11.91 -15.99 -4.06
N TRP A 179 -12.76 -16.89 -4.55
CA TRP A 179 -14.08 -16.48 -5.04
C TRP A 179 -15.22 -16.92 -4.13
N VAL A 180 -14.88 -17.37 -2.92
CA VAL A 180 -15.90 -17.70 -1.92
C VAL A 180 -15.83 -16.64 -0.83
N LEU A 181 -16.91 -15.85 -0.69
CA LEU A 181 -16.93 -14.83 0.37
C LEU A 181 -17.06 -15.51 1.72
N PRO A 182 -16.39 -14.96 2.74
CA PRO A 182 -16.64 -15.44 4.10
C PRO A 182 -18.05 -15.05 4.56
N ASN A 183 -18.53 -15.67 5.63
CA ASN A 183 -19.76 -15.23 6.30
C ASN A 183 -19.39 -14.14 7.28
N TYR A 184 -19.66 -12.90 6.92
CA TYR A 184 -19.22 -11.76 7.72
C TYR A 184 -19.85 -11.71 9.12
N SER A 185 -21.00 -12.38 9.28
CA SER A 185 -21.65 -12.50 10.59
C SER A 185 -21.62 -13.92 11.14
N GLY A 186 -20.77 -14.76 10.59
CA GLY A 186 -20.70 -16.14 11.07
C GLY A 186 -22.01 -16.88 10.85
N THR A 187 -22.36 -17.75 11.80
CA THR A 187 -23.59 -18.52 11.73
C THR A 187 -24.85 -17.69 12.08
N SER A 188 -24.65 -16.48 12.58
CA SER A 188 -25.74 -15.68 13.12
C SER A 188 -26.60 -14.97 12.07
N GLY A 189 -26.13 -14.88 10.83
CA GLY A 189 -26.88 -14.21 9.79
C GLY A 189 -26.18 -14.27 8.45
N HIS A 190 -26.93 -13.96 7.40
CA HIS A 190 -26.46 -14.03 6.03
C HIS A 190 -25.78 -12.73 5.63
N ASN A 191 -24.90 -12.81 4.62
CA ASN A 191 -24.24 -11.61 4.11
C ASN A 191 -25.25 -10.65 3.50
N VAL A 192 -25.02 -9.35 3.70
CA VAL A 192 -25.91 -8.30 3.25
C VAL A 192 -25.11 -7.13 2.61
N HIS A 193 -25.80 -6.37 1.76
CA HIS A 193 -25.26 -5.15 1.13
C HIS A 193 -24.06 -5.40 0.22
N LEU A 194 -24.04 -6.54 -0.46
CA LEU A 194 -22.88 -6.89 -1.28
C LEU A 194 -22.85 -6.18 -2.63
N ALA A 195 -21.64 -5.81 -3.06
CA ALA A 195 -21.44 -5.43 -4.46
C ALA A 195 -21.88 -6.61 -5.32
N PRO A 196 -22.47 -6.32 -6.50
CA PRO A 196 -23.09 -7.41 -7.27
C PRO A 196 -22.08 -8.41 -7.84
N ALA A 197 -22.56 -9.62 -8.11
CA ALA A 197 -21.76 -10.59 -8.85
C ALA A 197 -21.59 -10.10 -10.27
N VAL A 198 -20.44 -10.44 -10.86
CA VAL A 198 -20.11 -9.96 -12.20
C VAL A 198 -19.95 -11.10 -13.17
N ALA A 199 -20.39 -10.87 -14.40
CA ALA A 199 -20.27 -11.85 -15.46
C ALA A 199 -20.32 -11.17 -16.81
N PRO A 200 -19.59 -11.69 -17.80
CA PRO A 200 -19.77 -11.17 -19.16
C PRO A 200 -21.18 -11.50 -19.66
N THR A 201 -21.80 -10.59 -20.40
CA THR A 201 -23.13 -10.86 -20.96
C THR A 201 -23.12 -10.97 -22.49
N PHE A 202 -22.03 -10.57 -23.13
CA PHE A 202 -21.93 -10.53 -24.59
C PHE A 202 -21.19 -11.80 -25.07
N PRO A 203 -21.75 -12.53 -26.04
CA PRO A 203 -21.07 -13.75 -26.48
C PRO A 203 -19.63 -13.52 -26.90
N GLY A 204 -18.77 -14.47 -26.54
CA GLY A 204 -17.36 -14.42 -26.89
C GLY A 204 -16.49 -13.65 -25.91
N GLU A 205 -17.09 -13.10 -24.85
CA GLU A 205 -16.33 -12.29 -23.89
C GLU A 205 -16.05 -13.02 -22.59
N GLN A 206 -14.94 -12.62 -21.96
CA GLN A 206 -14.54 -13.10 -20.63
C GLN A 206 -14.11 -11.91 -19.79
N LEU A 207 -14.14 -12.06 -18.47
CA LEU A 207 -13.56 -11.06 -17.60
C LEU A 207 -12.05 -10.94 -17.81
N LEU A 208 -11.53 -9.72 -17.61
CA LEU A 208 -10.09 -9.48 -17.54
C LEU A 208 -9.76 -9.23 -16.06
N PHE A 209 -8.77 -9.95 -15.53
CA PHE A 209 -8.37 -9.87 -14.13
C PHE A 209 -6.99 -9.25 -13.98
N PHE A 210 -6.85 -8.43 -12.94
CA PHE A 210 -5.55 -7.87 -12.55
C PHE A 210 -5.02 -8.78 -11.45
N ARG A 211 -3.91 -9.46 -11.73
CA ARG A 211 -3.47 -10.59 -10.91
C ARG A 211 -2.18 -10.33 -10.11
N SER A 212 -2.20 -10.79 -8.86
CA SER A 212 -1.01 -10.86 -8.01
C SER A 212 -0.85 -12.28 -7.45
N THR A 213 0.29 -12.52 -6.83
CA THR A 213 0.55 -13.75 -6.09
C THR A 213 0.73 -13.41 -4.60
N MET A 214 -0.19 -13.87 -3.77
CA MET A 214 -0.04 -13.65 -2.32
C MET A 214 1.12 -14.46 -1.80
N PRO A 215 1.94 -13.84 -0.93
CA PRO A 215 2.96 -14.68 -0.27
C PRO A 215 2.36 -15.87 0.47
N GLY A 216 3.03 -17.01 0.37
CA GLY A 216 2.68 -18.19 1.14
C GLY A 216 3.51 -18.30 2.41
N CYS A 217 2.86 -18.68 3.50
CA CYS A 217 3.47 -18.62 4.82
C CYS A 217 3.56 -19.98 5.54
N SER A 218 2.90 -21.01 4.99
CA SER A 218 2.96 -22.38 5.51
C SER A 218 2.11 -23.31 4.64
N GLY A 219 2.53 -24.55 4.48
CA GLY A 219 1.78 -25.52 3.70
C GLY A 219 1.81 -25.23 2.21
N TYR A 220 0.73 -25.58 1.54
CA TYR A 220 0.64 -25.55 0.08
C TYR A 220 -0.55 -24.73 -0.38
N PRO A 221 -0.51 -23.42 -0.13
CA PRO A 221 -1.68 -22.58 -0.44
C PRO A 221 -1.87 -22.25 -1.93
N ASN A 222 -3.11 -21.98 -2.33
CA ASN A 222 -3.38 -21.35 -3.62
C ASN A 222 -3.14 -19.86 -3.50
N MET A 223 -2.09 -19.37 -4.13
CA MET A 223 -1.65 -17.98 -3.94
C MET A 223 -2.17 -16.99 -4.99
N ASN A 224 -2.95 -17.45 -5.97
CA ASN A 224 -3.45 -16.50 -6.96
C ASN A 224 -4.47 -15.56 -6.34
N LEU A 225 -4.39 -14.28 -6.67
CA LEU A 225 -5.38 -13.27 -6.26
C LEU A 225 -5.68 -12.30 -7.38
N ASP A 226 -6.92 -12.37 -7.87
CA ASP A 226 -7.39 -11.55 -8.98
C ASP A 226 -8.31 -10.44 -8.51
N CYS A 227 -8.06 -9.21 -8.96
CA CYS A 227 -8.99 -8.12 -8.67
C CYS A 227 -9.57 -7.57 -9.98
N LEU A 228 -10.70 -6.88 -9.87
CA LEU A 228 -11.39 -6.36 -11.05
C LEU A 228 -10.91 -4.98 -11.49
N LEU A 229 -10.33 -4.24 -10.55
CA LEU A 229 -9.84 -2.89 -10.79
C LEU A 229 -8.60 -2.70 -9.92
N PRO A 230 -7.52 -2.11 -10.48
CA PRO A 230 -6.40 -1.74 -9.60
C PRO A 230 -6.83 -0.74 -8.52
N GLN A 231 -6.18 -0.74 -7.37
CA GLN A 231 -6.52 0.23 -6.33
C GLN A 231 -6.39 1.68 -6.83
N GLU A 232 -5.39 1.93 -7.66
CA GLU A 232 -5.23 3.27 -8.21
C GLU A 232 -6.37 3.72 -9.12
N TRP A 233 -7.09 2.78 -9.73
CA TRP A 233 -8.26 3.12 -10.53
C TRP A 233 -9.44 3.49 -9.62
N VAL A 234 -9.64 2.72 -8.56
CA VAL A 234 -10.62 3.06 -7.54
C VAL A 234 -10.40 4.50 -7.05
N SER A 235 -9.18 4.82 -6.67
CA SER A 235 -8.91 6.16 -6.15
CA SER A 235 -8.87 6.16 -6.16
C SER A 235 -9.09 7.25 -7.21
N HIS A 236 -8.73 6.94 -8.47
CA HIS A 236 -8.89 7.86 -9.59
C HIS A 236 -10.37 8.16 -9.86
N PHE A 237 -11.19 7.14 -9.96
CA PHE A 237 -12.62 7.34 -10.23
C PHE A 237 -13.30 8.08 -9.06
N TYR A 238 -12.95 7.71 -7.83
CA TYR A 238 -13.50 8.39 -6.67
C TYR A 238 -13.23 9.90 -6.75
N GLN A 239 -12.01 10.29 -7.13
CA GLN A 239 -11.64 11.72 -7.17
C GLN A 239 -12.23 12.46 -8.37
N GLU A 240 -12.17 11.82 -9.53
CA GLU A 240 -12.59 12.48 -10.75
C GLU A 240 -14.10 12.59 -10.83
N ALA A 241 -14.79 11.50 -10.49
CA ALA A 241 -16.24 11.46 -10.51
C ALA A 241 -16.77 11.95 -11.87
N ALA A 242 -16.12 11.48 -12.94
CA ALA A 242 -16.56 11.83 -14.29
C ALA A 242 -17.83 11.07 -14.67
N PRO A 243 -18.86 11.78 -15.15
CA PRO A 243 -20.11 11.09 -15.53
C PRO A 243 -19.91 10.08 -16.66
N ALA A 244 -20.60 8.95 -16.57
CA ALA A 244 -20.56 7.95 -17.62
C ALA A 244 -21.56 8.33 -18.71
N GLN A 245 -21.11 8.41 -19.96
CA GLN A 245 -22.02 8.79 -21.05
C GLN A 245 -22.75 7.59 -21.68
N SER A 246 -22.32 6.38 -21.33
CA SER A 246 -23.03 5.16 -21.69
C SER A 246 -22.67 4.12 -20.63
N ASP A 247 -23.11 2.87 -20.81
CA ASP A 247 -22.80 1.82 -19.83
C ASP A 247 -21.46 1.14 -20.08
N VAL A 248 -20.79 1.47 -21.18
CA VAL A 248 -19.55 0.81 -21.55
C VAL A 248 -18.51 1.79 -22.10
N ALA A 249 -17.35 1.84 -21.46
CA ALA A 249 -16.22 2.62 -21.92
C ALA A 249 -15.26 1.72 -22.69
N LEU A 250 -14.93 2.11 -23.92
CA LEU A 250 -13.95 1.37 -24.72
C LEU A 250 -12.51 1.82 -24.38
N LEU A 251 -11.70 0.89 -23.89
CA LEU A 251 -10.29 1.15 -23.62
C LEU A 251 -9.39 0.43 -24.62
N ARG A 252 -8.30 1.09 -25.00
CA ARG A 252 -7.22 0.47 -25.76
C ARG A 252 -5.98 0.36 -24.87
N PHE A 253 -5.34 -0.81 -24.89
CA PHE A 253 -4.09 -1.00 -24.20
C PHE A 253 -2.98 -0.75 -25.22
N VAL A 254 -2.17 0.27 -24.94
CA VAL A 254 -1.23 0.84 -25.91
C VAL A 254 0.22 0.64 -25.49
N ASN A 255 1.09 0.40 -26.49
CA ASN A 255 2.52 0.37 -26.29
C ASN A 255 3.05 1.73 -26.71
N PRO A 256 3.43 2.59 -25.74
CA PRO A 256 3.82 3.94 -26.16
C PRO A 256 5.16 4.00 -26.89
N ASP A 257 5.92 2.91 -26.88
CA ASP A 257 7.16 2.90 -27.66
C ASP A 257 6.84 3.01 -29.15
N THR A 258 5.67 2.51 -29.54
CA THR A 258 5.31 2.37 -30.95
C THR A 258 3.99 3.06 -31.30
N GLY A 259 3.21 3.41 -30.29
CA GLY A 259 1.89 3.96 -30.50
C GLY A 259 0.90 2.89 -30.91
N ARG A 260 1.36 1.63 -30.99
CA ARG A 260 0.50 0.53 -31.42
C ARG A 260 -0.42 0.00 -30.31
N VAL A 261 -1.66 -0.28 -30.68
CA VAL A 261 -2.63 -0.90 -29.78
C VAL A 261 -2.41 -2.40 -29.72
N LEU A 262 -2.28 -2.93 -28.50
CA LEU A 262 -2.03 -4.34 -28.30
C LEU A 262 -3.37 -5.11 -28.23
N PHE A 263 -4.35 -4.53 -27.54
CA PHE A 263 -5.70 -5.12 -27.48
C PHE A 263 -6.67 -4.04 -27.04
N GLU A 264 -7.96 -4.28 -27.23
CA GLU A 264 -8.99 -3.39 -26.71
C GLU A 264 -9.93 -4.17 -25.80
N CYS A 265 -10.62 -3.43 -24.94
CA CYS A 265 -11.45 -4.05 -23.90
C CYS A 265 -12.58 -3.12 -23.52
N LYS A 266 -13.59 -3.67 -22.85
CA LYS A 266 -14.73 -2.92 -22.37
C LYS A 266 -14.62 -2.71 -20.86
N LEU A 267 -14.62 -1.46 -20.44
CA LEU A 267 -14.74 -1.15 -19.02
C LEU A 267 -16.20 -0.80 -18.76
N HIS A 268 -16.89 -1.68 -18.05
CA HIS A 268 -18.30 -1.48 -17.73
C HIS A 268 -18.44 -0.44 -16.63
N LYS A 269 -19.48 0.39 -16.77
CA LYS A 269 -19.73 1.49 -15.84
C LYS A 269 -19.73 1.03 -14.38
N SER A 270 -20.24 -0.17 -14.12
CA SER A 270 -20.38 -0.65 -12.75
C SER A 270 -19.03 -1.17 -12.19
N GLY A 271 -17.98 -1.17 -13.02
CA GLY A 271 -16.61 -1.33 -12.53
C GLY A 271 -15.95 -2.69 -12.73
N TYR A 272 -15.85 -3.14 -13.97
CA TYR A 272 -15.09 -4.36 -14.31
C TYR A 272 -14.85 -4.36 -15.81
N ILE A 273 -13.91 -5.19 -16.26
CA ILE A 273 -13.46 -5.22 -17.65
C ILE A 273 -13.73 -6.58 -18.28
N THR A 274 -14.17 -6.56 -19.54
CA THR A 274 -14.20 -7.77 -20.37
C THR A 274 -13.35 -7.62 -21.66
N VAL A 275 -12.89 -8.76 -22.15
CA VAL A 275 -12.17 -8.88 -23.42
C VAL A 275 -12.83 -9.96 -24.29
N ALA A 276 -12.57 -9.93 -25.58
CA ALA A 276 -13.06 -10.96 -26.51
C ALA A 276 -12.00 -12.07 -26.59
N HIS A 277 -12.22 -13.13 -25.82
CA HIS A 277 -11.36 -14.29 -25.81
C HIS A 277 -12.11 -15.48 -25.21
N THR A 278 -11.80 -16.68 -25.69
CA THR A 278 -12.28 -17.93 -25.08
C THR A 278 -11.09 -18.77 -24.60
N GLY A 279 -11.07 -19.04 -23.29
CA GLY A 279 -10.06 -19.88 -22.67
C GLY A 279 -9.16 -19.15 -21.71
N PRO A 280 -8.37 -19.90 -20.93
CA PRO A 280 -7.40 -19.32 -20.01
C PRO A 280 -6.22 -18.71 -20.79
N TYR A 281 -5.83 -17.51 -20.41
CA TYR A 281 -4.74 -16.85 -21.10
C TYR A 281 -4.01 -15.86 -20.21
N ASP A 282 -2.69 -16.06 -20.10
CA ASP A 282 -1.80 -15.12 -19.44
C ASP A 282 -1.37 -14.07 -20.49
N LEU A 283 -1.88 -12.84 -20.39
CA LEU A 283 -1.55 -11.84 -21.40
C LEU A 283 -0.07 -11.52 -21.41
N VAL A 284 0.43 -11.21 -22.61
CA VAL A 284 1.82 -10.83 -22.80
C VAL A 284 1.82 -9.34 -23.10
N ILE A 285 2.40 -8.54 -22.20
CA ILE A 285 2.37 -7.09 -22.33
C ILE A 285 3.76 -6.48 -22.18
N PRO A 286 4.03 -5.37 -22.90
CA PRO A 286 5.30 -4.68 -22.69
C PRO A 286 5.33 -3.93 -21.36
N PRO A 287 6.51 -3.74 -20.77
CA PRO A 287 6.60 -3.10 -19.44
C PRO A 287 6.11 -1.66 -19.38
N ASN A 288 6.06 -0.98 -20.52
CA ASN A 288 5.57 0.41 -20.56
CA ASN A 288 5.58 0.40 -20.57
C ASN A 288 4.12 0.52 -21.04
N GLY A 289 3.45 -0.60 -21.30
CA GLY A 289 2.07 -0.58 -21.75
C GLY A 289 1.10 0.04 -20.74
N TYR A 290 0.04 0.67 -21.23
CA TYR A 290 -0.99 1.21 -20.34
C TYR A 290 -2.34 1.29 -21.04
N PHE A 291 -3.39 1.43 -20.24
CA PHE A 291 -4.76 1.55 -20.76
C PHE A 291 -5.11 3.00 -21.04
N ARG A 292 -5.83 3.22 -22.15
CA ARG A 292 -6.27 4.55 -22.56
C ARG A 292 -7.75 4.52 -22.94
N PHE A 293 -8.53 5.40 -22.32
CA PHE A 293 -9.94 5.55 -22.70
C PHE A 293 -10.08 6.24 -24.05
N ASP A 294 -10.84 5.61 -24.94
CA ASP A 294 -11.03 6.16 -26.29
C ASP A 294 -12.47 6.65 -26.56
N SER A 295 -13.49 5.91 -26.14
CA SER A 295 -14.86 6.38 -26.39
C SER A 295 -15.91 5.59 -25.62
N TRP A 296 -17.08 6.19 -25.46
CA TRP A 296 -18.24 5.54 -24.89
C TRP A 296 -18.96 4.78 -25.98
N VAL A 297 -19.24 3.50 -25.72
N VAL A 297 -19.21 3.49 -25.78
CA VAL A 297 -19.95 2.62 -26.65
CA VAL A 297 -19.91 2.72 -26.81
C VAL A 297 -21.08 1.85 -25.93
C VAL A 297 -21.31 2.34 -26.34
N ASN A 298 -21.50 0.71 -26.49
N ASN A 298 -22.19 2.03 -27.29
CA ASN A 298 -22.58 -0.07 -25.88
CA ASN A 298 -23.50 1.52 -26.95
C ASN A 298 -22.31 -1.56 -25.64
C ASN A 298 -23.40 0.08 -26.44
N GLN A 299 -23.27 -2.21 -25.01
N GLN A 299 -24.53 -0.59 -26.30
CA GLN A 299 -23.16 -3.60 -24.59
CA GLN A 299 -24.56 -1.92 -25.70
C GLN A 299 -22.95 -4.53 -25.79
C GLN A 299 -24.20 -3.04 -26.69
N PHE A 300 -23.23 -4.02 -26.98
N PHE A 300 -23.88 -2.68 -27.92
CA PHE A 300 -23.25 -4.83 -28.21
CA PHE A 300 -23.74 -3.69 -28.97
C PHE A 300 -22.09 -4.55 -29.18
C PHE A 300 -22.40 -3.59 -29.70
N TYR A 301 -21.32 -3.50 -28.93
CA TYR A 301 -20.02 -3.30 -29.55
C TYR A 301 -19.19 -4.59 -29.53
N THR A 302 -18.75 -5.04 -30.71
CA THR A 302 -17.91 -6.23 -30.79
C THR A 302 -16.43 -5.84 -30.73
N LEU A 303 -15.75 -6.35 -29.72
CA LEU A 303 -14.32 -6.14 -29.59
C LEU A 303 -13.55 -6.97 -30.62
N ALA A 304 -12.48 -6.38 -31.14
CA ALA A 304 -11.48 -7.14 -31.86
C ALA A 304 -10.93 -8.21 -30.94
N PRO A 305 -10.72 -9.42 -31.46
CA PRO A 305 -10.16 -10.48 -30.61
C PRO A 305 -8.89 -10.05 -29.89
N MET A 306 -8.84 -10.32 -28.59
CA MET A 306 -7.71 -9.94 -27.76
C MET A 306 -6.43 -10.56 -28.35
N SER B 1 -0.96 25.96 -21.03
CA SER B 1 -0.50 24.61 -20.70
C SER B 1 -1.24 24.00 -19.51
N LYS B 2 -1.06 22.70 -19.33
CA LYS B 2 -1.87 21.89 -18.43
C LYS B 2 -1.94 22.43 -17.00
N PRO B 3 -3.15 22.77 -16.51
CA PRO B 3 -3.22 23.33 -15.16
C PRO B 3 -2.79 22.37 -14.07
N PHE B 4 -2.02 22.89 -13.13
CA PHE B 4 -1.52 22.10 -12.03
C PHE B 4 -2.61 21.91 -10.98
N THR B 5 -2.65 20.72 -10.37
CA THR B 5 -3.60 20.40 -9.29
C THR B 5 -2.93 19.48 -8.27
N VAL B 6 -3.44 19.47 -7.04
CA VAL B 6 -3.13 18.42 -6.09
C VAL B 6 -4.40 17.58 -5.84
N PRO B 7 -4.26 16.35 -5.35
CA PRO B 7 -5.43 15.51 -5.09
C PRO B 7 -6.40 16.12 -4.09
N ILE B 8 -7.67 15.71 -4.17
CA ILE B 8 -8.70 16.15 -3.22
C ILE B 8 -8.90 15.18 -2.06
N LEU B 9 -8.12 14.11 -2.01
CA LEU B 9 -8.22 13.19 -0.90
C LEU B 9 -7.89 13.85 0.45
N THR B 10 -8.61 13.43 1.47
CA THR B 10 -8.34 13.90 2.81
C THR B 10 -7.07 13.25 3.36
N VAL B 11 -6.51 13.85 4.40
CA VAL B 11 -5.29 13.31 5.00
C VAL B 11 -5.42 11.82 5.38
N GLU B 12 -6.53 11.44 6.02
CA GLU B 12 -6.70 10.06 6.46
C GLU B 12 -7.04 9.09 5.33
N GLU B 13 -7.35 9.62 4.15
CA GLU B 13 -7.56 8.79 2.97
C GLU B 13 -6.26 8.43 2.25
N MET B 14 -5.16 9.01 2.71
CA MET B 14 -3.87 8.89 2.04
C MET B 14 -2.85 8.05 2.83
N SER B 15 -1.74 7.77 2.18
CA SER B 15 -0.73 6.85 2.66
C SER B 15 0.63 7.54 2.85
N ASN B 16 1.36 7.12 3.86
CA ASN B 16 2.73 7.58 4.06
C ASN B 16 3.55 7.10 2.87
N SER B 17 4.51 7.94 2.44
CA SER B 17 5.37 7.61 1.31
C SER B 17 6.73 7.04 1.75
N ARG B 18 6.89 6.83 3.04
CA ARG B 18 8.14 6.29 3.59
C ARG B 18 8.00 4.93 4.33
N PHE B 19 6.78 4.43 4.45
CA PHE B 19 6.48 3.13 5.08
C PHE B 19 5.03 2.81 4.70
N PRO B 20 4.67 1.51 4.53
CA PRO B 20 3.33 1.15 4.03
C PRO B 20 2.22 1.22 5.09
N ILE B 21 1.94 2.43 5.56
CA ILE B 21 0.91 2.69 6.54
C ILE B 21 0.14 3.96 6.21
N PRO B 22 -1.10 4.09 6.71
CA PRO B 22 -1.88 5.29 6.42
C PRO B 22 -1.33 6.54 7.10
N LEU B 23 -1.61 7.70 6.51
CA LEU B 23 -1.36 8.96 7.20
C LEU B 23 -2.33 9.13 8.34
N GLU B 24 -1.89 9.86 9.36
CA GLU B 24 -2.74 10.15 10.52
C GLU B 24 -2.99 11.64 10.75
N LYS B 25 -2.00 12.48 10.49
CA LYS B 25 -2.14 13.88 10.83
C LYS B 25 -1.11 14.74 10.12
N LEU B 26 -1.34 16.06 10.21
CA LEU B 26 -0.39 17.06 9.74
C LEU B 26 0.37 17.61 10.92
N TYR B 27 1.67 17.79 10.74
CA TYR B 27 2.55 18.23 11.81
C TYR B 27 3.59 19.20 11.28
N THR B 28 3.86 20.26 12.03
CA THR B 28 5.00 21.11 11.73
C THR B 28 5.88 21.20 12.99
N GLY B 29 7.20 21.28 12.78
CA GLY B 29 8.12 21.42 13.90
C GLY B 29 9.46 21.92 13.41
N PRO B 30 10.35 22.28 14.34
CA PRO B 30 11.69 22.76 13.98
C PRO B 30 12.54 21.63 13.37
N SER B 31 13.34 21.96 12.38
CA SER B 31 14.21 20.97 11.76
C SER B 31 15.68 21.36 11.78
N SER B 32 16.04 22.44 12.47
CA SER B 32 17.43 22.89 12.54
C SER B 32 18.40 21.85 13.12
N ALA B 33 17.91 20.92 13.93
CA ALA B 33 18.79 19.92 14.56
C ALA B 33 19.02 18.67 13.70
N PHE B 34 18.36 18.63 12.55
CA PHE B 34 18.36 17.47 11.67
C PHE B 34 18.84 17.87 10.29
N VAL B 35 19.28 16.90 9.51
CA VAL B 35 19.35 17.05 8.07
C VAL B 35 18.14 16.28 7.53
N VAL B 36 17.22 17.01 6.91
CA VAL B 36 16.00 16.40 6.41
C VAL B 36 16.23 16.04 4.96
N GLN B 37 16.58 14.77 4.74
CA GLN B 37 16.96 14.29 3.40
C GLN B 37 16.36 12.91 3.07
N PRO B 38 15.05 12.74 3.29
CA PRO B 38 14.46 11.43 2.98
C PRO B 38 14.60 11.12 1.48
N GLN B 39 14.64 9.84 1.13
CA GLN B 39 14.80 9.42 -0.26
C GLN B 39 13.52 8.83 -0.84
N ASN B 40 12.62 8.37 0.04
CA ASN B 40 11.28 7.96 -0.38
C ASN B 40 10.31 9.12 -0.21
N GLY B 41 9.26 9.15 -1.03
CA GLY B 41 8.33 10.28 -1.03
C GLY B 41 8.92 11.56 -1.59
N ARG B 42 9.77 11.43 -2.63
CA ARG B 42 10.43 12.56 -3.27
C ARG B 42 10.03 12.61 -4.74
N CYS B 43 9.42 13.72 -5.15
CA CYS B 43 8.91 13.90 -6.51
C CYS B 43 8.70 15.37 -6.76
N THR B 44 9.07 15.86 -7.95
CA THR B 44 8.81 17.26 -8.29
C THR B 44 7.34 17.43 -8.64
N THR B 45 6.87 18.67 -8.62
CA THR B 45 5.46 18.89 -8.93
C THR B 45 5.17 18.57 -10.39
N ASP B 46 6.18 18.62 -11.27
CA ASP B 46 5.91 18.22 -12.64
CA ASP B 46 6.13 18.22 -12.68
C ASP B 46 6.11 16.72 -12.89
N GLY B 47 6.27 15.96 -11.81
CA GLY B 47 6.20 14.51 -11.86
C GLY B 47 7.49 13.74 -12.09
N VAL B 48 8.63 14.36 -11.80
CA VAL B 48 9.92 13.65 -11.85
C VAL B 48 10.23 13.02 -10.50
N LEU B 49 10.30 11.68 -10.49
CA LEU B 49 10.65 10.94 -9.29
C LEU B 49 12.11 11.15 -8.90
N LEU B 50 12.36 11.27 -7.59
CA LEU B 50 13.69 11.54 -7.06
C LEU B 50 14.11 10.48 -6.04
N GLY B 51 15.40 10.41 -5.74
CA GLY B 51 15.89 9.48 -4.72
C GLY B 51 15.60 8.03 -5.06
N THR B 52 15.00 7.33 -4.10
CA THR B 52 14.61 5.94 -4.26
C THR B 52 13.09 5.82 -4.43
N THR B 53 12.44 6.88 -4.87
CA THR B 53 10.97 6.90 -4.86
C THR B 53 10.38 6.14 -6.04
N GLN B 54 9.40 5.28 -5.73
CA GLN B 54 8.58 4.59 -6.74
C GLN B 54 7.09 4.85 -6.46
N LEU B 55 6.20 4.18 -7.17
CA LEU B 55 4.82 4.68 -7.31
C LEU B 55 3.78 4.12 -6.34
N SER B 56 4.02 2.98 -5.70
CA SER B 56 3.02 2.43 -4.78
C SER B 56 3.55 2.22 -3.37
N ALA B 57 2.72 2.57 -2.39
CA ALA B 57 3.12 2.43 -0.98
C ALA B 57 3.34 0.97 -0.59
N VAL B 58 2.68 0.03 -1.26
CA VAL B 58 2.79 -1.36 -0.82
C VAL B 58 4.19 -1.96 -1.02
N ASN B 59 5.06 -1.28 -1.79
CA ASN B 59 6.39 -1.79 -2.08
C ASN B 59 7.48 -1.21 -1.17
N ILE B 60 7.12 -0.20 -0.38
CA ILE B 60 8.11 0.52 0.41
C ILE B 60 8.62 -0.37 1.56
N CYS B 61 9.95 -0.43 1.69
CA CYS B 61 10.61 -1.25 2.73
C CYS B 61 10.36 -2.77 2.56
N ASN B 62 9.91 -3.18 1.37
CA ASN B 62 9.83 -4.61 1.01
C ASN B 62 11.17 -5.02 0.38
N PHE B 63 11.54 -6.30 0.48
CA PHE B 63 12.75 -6.81 -0.18
C PHE B 63 12.41 -8.17 -0.79
N ARG B 64 13.08 -8.49 -1.89
CA ARG B 64 12.94 -9.77 -2.57
C ARG B 64 14.29 -10.30 -3.02
N GLY B 65 14.43 -11.62 -3.02
CA GLY B 65 15.65 -12.26 -3.49
C GLY B 65 15.79 -13.70 -3.01
N ASP B 66 16.99 -14.26 -3.15
CA ASP B 66 17.31 -15.56 -2.59
C ASP B 66 18.11 -15.36 -1.32
N VAL B 67 18.07 -16.33 -0.42
CA VAL B 67 18.74 -16.22 0.87
C VAL B 67 19.71 -17.36 1.16
N THR B 68 20.74 -17.03 1.93
CA THR B 68 21.72 -18.02 2.39
C THR B 68 22.00 -17.75 3.88
N ARG B 69 22.14 -18.82 4.66
CA ARG B 69 22.36 -18.67 6.10
C ARG B 69 23.75 -18.12 6.35
N VAL B 70 23.86 -17.22 7.33
CA VAL B 70 25.17 -16.72 7.79
C VAL B 70 25.75 -17.72 8.78
N GLY B 71 26.80 -18.44 8.38
CA GLY B 71 27.42 -19.43 9.23
C GLY B 71 26.40 -20.45 9.72
N ILE B 72 26.33 -20.64 11.04
CA ILE B 72 25.36 -21.54 11.66
C ILE B 72 24.44 -20.75 12.58
N SER B 73 24.28 -19.47 12.25
CA SER B 73 23.45 -18.55 13.04
C SER B 73 22.00 -18.51 12.55
N HIS B 74 21.21 -17.64 13.16
CA HIS B 74 19.84 -17.39 12.73
C HIS B 74 19.73 -16.21 11.76
N ASP B 75 20.88 -15.72 11.27
CA ASP B 75 20.89 -14.62 10.31
C ASP B 75 20.97 -15.16 8.89
N TYR B 76 20.35 -14.44 7.96
CA TYR B 76 20.35 -14.79 6.55
C TYR B 76 20.70 -13.59 5.69
N THR B 77 21.56 -13.80 4.70
CA THR B 77 21.87 -12.80 3.67
C THR B 77 20.86 -12.96 2.54
N MET B 78 20.25 -11.85 2.13
CA MET B 78 19.40 -11.82 0.95
C MET B 78 20.11 -11.14 -0.21
N ASN B 79 20.27 -11.88 -1.30
CA ASN B 79 20.77 -11.34 -2.56
C ASN B 79 19.59 -10.79 -3.35
N LEU B 80 19.53 -9.47 -3.46
CA LEU B 80 18.36 -8.78 -3.95
C LEU B 80 18.09 -8.98 -5.43
N VAL B 81 16.81 -9.03 -5.75
CA VAL B 81 16.30 -8.93 -7.10
C VAL B 81 15.29 -7.78 -7.15
N SER B 82 14.75 -7.51 -8.34
CA SER B 82 13.79 -6.43 -8.50
C SER B 82 12.39 -6.84 -8.04
N GLN B 83 11.48 -5.88 -8.03
CA GLN B 83 10.10 -6.12 -7.61
C GLN B 83 9.46 -7.28 -8.37
N ASN B 84 9.79 -7.43 -9.65
CA ASN B 84 9.20 -8.49 -10.47
C ASN B 84 10.10 -9.73 -10.63
N TRP B 85 11.08 -9.82 -9.74
CA TRP B 85 11.95 -11.00 -9.59
C TRP B 85 13.08 -11.05 -10.62
N ASN B 86 13.21 -10.02 -11.44
CA ASN B 86 14.33 -9.93 -12.38
C ASN B 86 15.62 -9.40 -11.72
N ASN B 87 16.76 -9.56 -12.38
CA ASN B 87 18.01 -9.16 -11.76
CA ASN B 87 18.07 -9.07 -11.91
C ASN B 87 18.03 -7.65 -11.35
N TYR B 88 18.70 -7.38 -10.22
CA TYR B 88 18.89 -5.98 -9.80
C TYR B 88 20.18 -5.46 -10.43
N ASP B 89 20.18 -4.22 -10.91
CA ASP B 89 21.36 -3.60 -11.56
C ASP B 89 22.01 -2.54 -10.67
N PRO B 90 23.15 -2.86 -10.04
CA PRO B 90 23.75 -1.86 -9.13
C PRO B 90 24.31 -0.63 -9.83
N THR B 91 24.46 -0.68 -11.16
CA THR B 91 25.05 0.44 -11.88
C THR B 91 24.04 1.53 -12.25
N GLU B 92 22.75 1.29 -11.99
CA GLU B 92 21.74 2.30 -12.25
C GLU B 92 21.97 3.54 -11.35
N GLU B 93 21.72 4.75 -11.88
CA GLU B 93 22.08 6.00 -11.19
C GLU B 93 21.04 6.44 -10.16
N ILE B 94 20.85 5.58 -9.17
CA ILE B 94 19.98 5.82 -8.02
C ILE B 94 20.75 5.44 -6.74
N PRO B 95 20.29 5.88 -5.57
CA PRO B 95 21.07 5.60 -4.35
C PRO B 95 21.06 4.14 -3.92
N ALA B 96 20.02 3.42 -4.33
CA ALA B 96 19.75 2.07 -3.88
C ALA B 96 18.47 1.69 -4.61
N PRO B 97 18.07 0.40 -4.57
CA PRO B 97 16.83 0.01 -5.23
C PRO B 97 15.65 0.91 -4.83
N LEU B 98 14.75 1.19 -5.76
CA LEU B 98 13.56 1.98 -5.41
C LEU B 98 12.79 1.25 -4.29
N GLY B 99 12.39 2.03 -3.28
CA GLY B 99 11.66 1.53 -2.13
C GLY B 99 12.51 1.15 -0.94
N THR B 100 13.83 1.20 -1.08
CA THR B 100 14.75 0.84 0.02
C THR B 100 14.46 1.74 1.23
N PRO B 101 14.50 1.18 2.47
CA PRO B 101 14.35 2.06 3.66
C PRO B 101 15.32 3.26 3.63
N ASP B 102 14.83 4.45 4.01
CA ASP B 102 15.64 5.68 4.00
C ASP B 102 15.88 6.24 5.40
N PHE B 103 15.88 5.37 6.40
CA PHE B 103 16.21 5.74 7.76
C PHE B 103 16.98 4.63 8.45
N VAL B 104 17.76 5.01 9.47
CA VAL B 104 18.47 4.04 10.30
C VAL B 104 17.54 3.54 11.39
N GLY B 105 17.29 2.23 11.38
CA GLY B 105 16.43 1.62 12.36
C GLY B 105 16.35 0.13 12.12
N LYS B 106 15.65 -0.55 13.01
CA LYS B 106 15.47 -2.00 12.97
C LYS B 106 14.02 -2.28 12.63
N ILE B 107 13.80 -2.72 11.40
CA ILE B 107 12.45 -2.91 10.88
C ILE B 107 12.12 -4.40 10.98
N GLN B 108 11.01 -4.72 11.67
CA GLN B 108 10.57 -6.10 11.83
C GLN B 108 9.37 -6.41 10.94
N GLY B 109 9.32 -7.65 10.47
CA GLY B 109 8.25 -8.14 9.62
C GLY B 109 8.32 -9.65 9.50
N LEU B 110 7.82 -10.19 8.39
CA LEU B 110 7.91 -11.63 8.12
C LEU B 110 8.70 -11.82 6.85
N LEU B 111 9.61 -12.78 6.89
CA LEU B 111 10.34 -13.25 5.73
C LEU B 111 9.65 -14.52 5.27
N THR B 112 9.14 -14.53 4.04
CA THR B 112 8.37 -15.63 3.49
C THR B 112 9.08 -16.24 2.28
N GLN B 113 8.78 -17.50 2.01
CA GLN B 113 9.44 -18.20 0.93
C GLN B 113 8.54 -19.28 0.33
N THR B 114 8.68 -19.48 -0.97
CA THR B 114 8.05 -20.58 -1.68
C THR B 114 9.10 -21.44 -2.37
N THR B 115 8.91 -22.76 -2.32
CA THR B 115 9.75 -23.69 -3.08
C THR B 115 9.05 -23.95 -4.42
N ARG B 116 9.65 -23.50 -5.53
CA ARG B 116 8.97 -23.54 -6.82
C ARG B 116 8.50 -24.92 -7.21
N ALA B 117 9.34 -25.93 -7.00
CA ALA B 117 9.06 -27.25 -7.56
C ALA B 117 7.81 -27.88 -6.98
N ASP B 118 7.49 -27.59 -5.72
CA ASP B 118 6.36 -28.31 -5.09
C ASP B 118 5.32 -27.41 -4.44
N GLY B 119 5.52 -26.09 -4.51
CA GLY B 119 4.54 -25.16 -3.97
C GLY B 119 4.51 -25.08 -2.45
N SER B 120 5.50 -25.66 -1.77
CA SER B 120 5.56 -25.54 -0.31
C SER B 120 6.01 -24.15 0.10
N THR B 121 5.51 -23.69 1.25
CA THR B 121 5.75 -22.32 1.69
C THR B 121 6.08 -22.24 3.19
N ARG B 122 6.58 -21.08 3.62
CA ARG B 122 7.08 -20.91 4.98
C ARG B 122 7.22 -19.44 5.32
N ALA B 123 7.21 -19.12 6.60
CA ALA B 123 7.31 -17.74 7.08
C ALA B 123 7.95 -17.70 8.46
N HIS B 124 8.80 -16.70 8.67
CA HIS B 124 9.52 -16.52 9.92
C HIS B 124 9.63 -15.05 10.27
N LYS B 125 9.47 -14.73 11.56
CA LYS B 125 9.66 -13.36 12.00
C LYS B 125 11.10 -12.97 11.72
N ALA B 126 11.30 -11.76 11.24
CA ALA B 126 12.63 -11.30 10.82
C ALA B 126 12.78 -9.81 11.01
N THR B 127 14.03 -9.39 11.23
CA THR B 127 14.36 -7.98 11.41
C THR B 127 15.54 -7.63 10.52
N VAL B 128 15.45 -6.47 9.86
CA VAL B 128 16.58 -5.89 9.15
C VAL B 128 17.03 -4.61 9.85
N SER B 129 18.30 -4.62 10.27
CA SER B 129 18.92 -3.45 10.88
C SER B 129 19.62 -2.61 9.81
N THR B 130 19.06 -1.44 9.52
CA THR B 130 19.55 -0.66 8.37
C THR B 130 20.83 0.13 8.71
N GLY B 131 21.17 0.20 10.00
CA GLY B 131 22.43 0.77 10.44
C GLY B 131 23.59 -0.21 10.46
N SER B 132 23.28 -1.49 10.24
CA SER B 132 24.30 -2.55 10.22
C SER B 132 25.28 -2.39 9.06
N VAL B 133 26.53 -2.77 9.27
CA VAL B 133 27.47 -2.80 8.15
C VAL B 133 27.05 -3.78 7.05
N HIS B 134 26.15 -4.71 7.38
CA HIS B 134 25.67 -5.68 6.38
C HIS B 134 24.45 -5.18 5.59
N PHE B 135 23.98 -3.97 5.90
CA PHE B 135 22.93 -3.35 5.11
C PHE B 135 23.59 -2.67 3.92
N THR B 136 23.65 -3.39 2.79
CA THR B 136 24.32 -2.92 1.59
C THR B 136 23.44 -3.05 0.34
N PRO B 137 22.21 -2.50 0.40
CA PRO B 137 21.29 -2.69 -0.73
C PRO B 137 21.83 -2.16 -2.07
N LYS B 138 22.62 -1.07 -2.06
CA LYS B 138 23.18 -0.57 -3.30
C LYS B 138 24.13 -1.58 -3.95
N LEU B 139 24.80 -2.39 -3.13
CA LEU B 139 25.68 -3.45 -3.62
C LEU B 139 24.92 -4.71 -4.00
N GLY B 140 23.67 -4.81 -3.55
CA GLY B 140 22.79 -5.92 -3.90
C GLY B 140 22.51 -6.92 -2.81
N SER B 141 22.79 -6.59 -1.55
CA SER B 141 22.47 -7.54 -0.48
C SER B 141 22.14 -6.85 0.83
N VAL B 142 21.29 -7.50 1.62
CA VAL B 142 21.02 -7.07 2.98
C VAL B 142 20.95 -8.32 3.85
N GLN B 143 21.11 -8.11 5.17
CA GLN B 143 21.08 -9.20 6.13
C GLN B 143 19.88 -9.08 7.08
N PHE B 144 19.26 -10.23 7.36
CA PHE B 144 18.16 -10.33 8.32
C PHE B 144 18.51 -11.23 9.51
N THR B 145 18.04 -10.87 10.68
CA THR B 145 18.02 -11.80 11.82
C THR B 145 16.64 -12.43 11.85
N THR B 146 16.56 -13.75 11.95
CA THR B 146 15.27 -14.45 11.88
C THR B 146 15.09 -15.35 13.10
N ASP B 147 13.92 -15.95 13.20
CA ASP B 147 13.67 -16.93 14.28
C ASP B 147 13.99 -18.38 13.90
N THR B 148 14.70 -18.60 12.79
CA THR B 148 15.09 -19.95 12.35
C THR B 148 16.57 -20.03 12.02
N ASN B 149 17.15 -21.22 12.14
CA ASN B 149 18.51 -21.45 11.66
C ASN B 149 18.54 -22.56 10.61
N ASN B 150 17.38 -23.01 10.12
CA ASN B 150 17.35 -24.20 9.26
CA ASN B 150 17.41 -24.10 9.15
C ASN B 150 16.22 -24.29 8.23
N ASP B 151 15.19 -23.46 8.36
CA ASP B 151 13.98 -23.69 7.54
C ASP B 151 14.02 -23.07 6.12
N PHE B 152 14.78 -22.01 5.93
CA PHE B 152 14.87 -21.40 4.61
C PHE B 152 15.76 -22.21 3.67
N GLN B 153 15.33 -22.33 2.43
CA GLN B 153 16.07 -23.06 1.40
C GLN B 153 16.84 -22.09 0.53
N THR B 154 17.95 -22.54 -0.02
CA THR B 154 18.73 -21.75 -0.98
C THR B 154 18.09 -21.81 -2.36
N GLY B 155 18.30 -20.75 -3.14
CA GLY B 155 17.87 -20.75 -4.53
C GLY B 155 16.38 -20.61 -4.74
N GLN B 156 15.66 -20.21 -3.69
CA GLN B 156 14.20 -20.03 -3.75
C GLN B 156 13.78 -18.60 -3.49
N ASN B 157 12.72 -18.17 -4.17
CA ASN B 157 12.26 -16.80 -4.07
C ASN B 157 11.75 -16.53 -2.68
N THR B 158 12.23 -15.43 -2.11
CA THR B 158 11.99 -15.06 -0.72
C THR B 158 11.60 -13.58 -0.68
N LYS B 159 10.61 -13.23 0.15
CA LYS B 159 10.14 -11.86 0.30
C LYS B 159 10.15 -11.44 1.75
N PHE B 160 10.55 -10.20 2.02
CA PHE B 160 10.34 -9.55 3.32
C PHE B 160 9.22 -8.55 3.21
N THR B 161 8.21 -8.71 4.06
CA THR B 161 7.13 -7.74 4.20
C THR B 161 7.29 -7.04 5.53
N PRO B 162 7.45 -5.70 5.49
CA PRO B 162 7.68 -4.95 6.73
C PRO B 162 6.40 -4.77 7.53
N VAL B 163 6.53 -4.68 8.85
CA VAL B 163 5.38 -4.43 9.72
C VAL B 163 5.58 -3.22 10.63
N GLY B 164 6.72 -3.16 11.30
CA GLY B 164 6.97 -2.08 12.23
C GLY B 164 8.44 -2.01 12.61
N VAL B 165 8.72 -1.39 13.76
CA VAL B 165 10.08 -1.14 14.18
C VAL B 165 10.29 -1.58 15.63
N ILE B 166 11.53 -1.90 15.97
CA ILE B 166 11.89 -2.29 17.33
C ILE B 166 12.96 -1.37 17.92
N GLN B 167 13.20 -1.52 19.21
CA GLN B 167 14.22 -0.76 19.92
C GLN B 167 14.82 -1.62 21.02
N ASP B 168 16.10 -1.39 21.32
CA ASP B 168 16.75 -2.11 22.40
CA ASP B 168 16.83 -2.12 22.36
C ASP B 168 17.71 -1.14 23.13
N GLY B 169 17.52 -1.03 24.44
CA GLY B 169 18.39 -0.18 25.24
C GLY B 169 17.68 0.66 26.31
N ASP B 170 18.45 1.07 27.31
CA ASP B 170 17.93 1.86 28.42
C ASP B 170 17.46 3.24 28.02
N HIS B 171 17.99 3.77 26.90
CA HIS B 171 17.58 5.07 26.41
C HIS B 171 16.37 4.91 25.50
N HIS B 172 15.19 5.01 26.09
CA HIS B 172 13.97 4.74 25.35
C HIS B 172 13.79 5.75 24.21
N GLN B 173 13.18 5.27 23.14
CA GLN B 173 12.92 6.06 21.92
C GLN B 173 14.20 6.61 21.27
N ASN B 174 15.33 5.93 21.49
CA ASN B 174 16.61 6.32 20.87
C ASN B 174 16.74 5.86 19.41
N GLU B 175 15.87 4.94 19.00
CA GLU B 175 15.83 4.45 17.62
C GLU B 175 14.39 4.06 17.31
N PRO B 176 13.99 4.04 16.03
CA PRO B 176 14.74 4.49 14.84
C PRO B 176 15.12 5.98 14.88
N GLN B 177 15.98 6.37 13.95
CA GLN B 177 16.35 7.76 13.72
C GLN B 177 15.87 8.12 12.32
N GLN B 178 14.69 8.71 12.22
CA GLN B 178 14.02 8.82 10.92
C GLN B 178 14.73 9.80 9.99
N TRP B 179 15.56 10.70 10.53
CA TRP B 179 16.25 11.69 9.69
C TRP B 179 17.73 11.36 9.46
N VAL B 180 18.15 10.13 9.78
CA VAL B 180 19.50 9.69 9.48
C VAL B 180 19.46 8.65 8.36
N LEU B 181 20.06 8.98 7.22
CA LEU B 181 20.11 8.03 6.11
C LEU B 181 21.03 6.86 6.42
N PRO B 182 20.64 5.65 6.01
CA PRO B 182 21.61 4.55 6.07
C PRO B 182 22.74 4.75 5.07
N ASN B 183 23.81 3.98 5.23
CA ASN B 183 24.85 3.89 4.23
C ASN B 183 24.48 2.77 3.29
N TYR B 184 23.97 3.15 2.12
CA TYR B 184 23.45 2.17 1.18
C TYR B 184 24.49 1.17 0.65
N SER B 185 25.76 1.56 0.66
CA SER B 185 26.84 0.65 0.29
C SER B 185 27.70 0.20 1.48
N GLY B 186 27.18 0.38 2.70
CA GLY B 186 27.92 0.03 3.89
C GLY B 186 29.20 0.84 4.01
N THR B 187 30.27 0.19 4.43
CA THR B 187 31.55 0.86 4.59
C THR B 187 32.31 1.01 3.28
N SER B 188 31.82 0.39 2.22
CA SER B 188 32.52 0.35 0.93
C SER B 188 32.60 1.71 0.24
N GLY B 189 31.57 2.52 0.41
CA GLY B 189 31.58 3.83 -0.23
C GLY B 189 30.50 4.73 0.30
N HIS B 190 30.53 5.97 -0.14
CA HIS B 190 29.54 6.95 0.30
CA HIS B 190 29.55 6.96 0.29
C HIS B 190 28.27 6.86 -0.53
N ASN B 191 27.19 7.43 0.00
CA ASN B 191 25.92 7.43 -0.72
C ASN B 191 26.02 8.27 -2.00
N VAL B 192 25.29 7.86 -3.04
CA VAL B 192 25.29 8.56 -4.32
C VAL B 192 23.88 8.87 -4.82
N HIS B 193 23.78 9.86 -5.72
CA HIS B 193 22.55 10.15 -6.45
C HIS B 193 21.36 10.50 -5.55
N LEU B 194 21.66 11.13 -4.43
CA LEU B 194 20.64 11.45 -3.46
C LEU B 194 19.74 12.62 -3.88
N ALA B 195 18.46 12.51 -3.54
CA ALA B 195 17.57 13.67 -3.54
C ALA B 195 18.13 14.64 -2.48
N PRO B 196 18.06 15.95 -2.75
CA PRO B 196 18.71 16.90 -1.84
C PRO B 196 18.03 17.03 -0.49
N ALA B 197 18.77 17.50 0.51
CA ALA B 197 18.19 17.88 1.78
C ALA B 197 17.27 19.07 1.55
N VAL B 198 16.25 19.18 2.39
CA VAL B 198 15.32 20.31 2.33
C VAL B 198 15.31 21.05 3.67
N ALA B 199 15.08 22.34 3.60
CA ALA B 199 15.01 23.17 4.80
C ALA B 199 14.23 24.45 4.52
N PRO B 200 13.57 25.00 5.52
CA PRO B 200 12.96 26.33 5.31
C PRO B 200 14.06 27.38 5.23
N THR B 201 13.90 28.39 4.39
CA THR B 201 14.90 29.46 4.30
C THR B 201 14.32 30.83 4.67
N PHE B 202 13.01 30.95 4.59
CA PHE B 202 12.35 32.24 4.71
C PHE B 202 12.02 32.49 6.18
N PRO B 203 12.24 33.71 6.68
CA PRO B 203 12.05 33.96 8.11
C PRO B 203 10.66 33.57 8.58
N GLY B 204 10.61 32.78 9.64
CA GLY B 204 9.36 32.39 10.26
C GLY B 204 8.75 31.12 9.71
N GLU B 205 9.44 30.47 8.78
CA GLU B 205 8.89 29.25 8.16
C GLU B 205 9.45 27.96 8.77
N GLN B 206 8.64 26.91 8.65
CA GLN B 206 9.02 25.54 8.97
C GLN B 206 8.51 24.60 7.87
N LEU B 207 9.06 23.40 7.83
CA LEU B 207 8.51 22.33 6.99
C LEU B 207 7.16 21.90 7.53
N LEU B 208 6.27 21.48 6.62
CA LEU B 208 5.02 20.81 6.97
C LEU B 208 5.17 19.34 6.61
N PHE B 209 4.86 18.48 7.58
CA PHE B 209 5.03 17.04 7.45
C PHE B 209 3.69 16.33 7.46
N PHE B 210 3.64 15.24 6.71
CA PHE B 210 2.52 14.31 6.74
C PHE B 210 2.96 13.15 7.63
N ARG B 211 2.31 13.03 8.80
CA ARG B 211 2.78 12.17 9.88
C ARG B 211 1.96 10.90 10.10
N SER B 212 2.68 9.81 10.36
CA SER B 212 2.11 8.52 10.76
C SER B 212 2.84 7.99 11.99
N THR B 213 2.27 6.96 12.61
CA THR B 213 2.90 6.27 13.72
C THR B 213 3.19 4.84 13.28
N MET B 214 4.46 4.46 13.19
CA MET B 214 4.81 3.09 12.78
C MET B 214 4.46 2.12 13.91
N PRO B 215 3.90 0.95 13.56
CA PRO B 215 3.71 -0.06 14.61
C PRO B 215 5.03 -0.38 15.32
N GLY B 216 4.96 -0.54 16.63
CA GLY B 216 6.09 -1.00 17.44
C GLY B 216 6.03 -2.50 17.65
N CYS B 217 7.18 -3.17 17.56
CA CYS B 217 7.23 -4.63 17.58
C CYS B 217 8.03 -5.24 18.75
N SER B 218 8.79 -4.41 19.47
CA SER B 218 9.57 -4.85 20.62
C SER B 218 10.28 -3.63 21.22
N GLY B 219 10.42 -3.62 22.54
CA GLY B 219 11.08 -2.52 23.22
C GLY B 219 10.33 -1.21 23.21
N TYR B 220 11.09 -0.12 23.18
CA TYR B 220 10.55 1.24 23.32
C TYR B 220 10.96 2.14 22.14
N PRO B 221 10.46 1.84 20.94
CA PRO B 221 10.91 2.61 19.76
C PRO B 221 10.28 3.98 19.63
N ASN B 222 10.99 4.88 18.94
CA ASN B 222 10.42 6.12 18.43
C ASN B 222 9.63 5.82 17.17
N MET B 223 8.31 5.85 17.27
CA MET B 223 7.43 5.42 16.18
C MET B 223 6.98 6.55 15.22
N ASN B 224 7.43 7.77 15.45
CA ASN B 224 7.04 8.86 14.55
C ASN B 224 7.67 8.71 13.17
N LEU B 225 6.87 8.91 12.13
CA LEU B 225 7.39 8.89 10.75
C LEU B 225 6.73 9.97 9.92
N ASP B 226 7.56 10.93 9.49
CA ASP B 226 7.12 12.10 8.73
C ASP B 226 7.54 11.98 7.29
N CYS B 227 6.63 12.24 6.36
CA CYS B 227 7.00 12.28 4.96
C CYS B 227 6.70 13.68 4.40
N LEU B 228 7.36 14.02 3.29
CA LEU B 228 7.23 15.36 2.71
C LEU B 228 6.01 15.47 1.77
N LEU B 229 5.61 14.34 1.20
CA LEU B 229 4.48 14.26 0.27
C LEU B 229 3.73 12.94 0.51
N PRO B 230 2.39 12.97 0.53
CA PRO B 230 1.70 11.67 0.55
C PRO B 230 2.01 10.84 -0.69
N GLN B 231 1.95 9.52 -0.57
CA GLN B 231 2.21 8.67 -1.73
C GLN B 231 1.26 9.02 -2.88
N GLU B 232 0.00 9.33 -2.55
CA GLU B 232 -0.97 9.68 -3.58
C GLU B 232 -0.64 10.96 -4.34
N TRP B 233 0.13 11.86 -3.70
CA TRP B 233 0.59 13.08 -4.38
C TRP B 233 1.72 12.75 -5.35
N VAL B 234 2.64 11.88 -4.92
CA VAL B 234 3.68 11.37 -5.83
C VAL B 234 3.04 10.79 -7.09
N SER B 235 2.10 9.87 -6.93
CA SER B 235 1.48 9.25 -8.09
CA SER B 235 1.42 9.24 -8.05
C SER B 235 0.71 10.27 -8.93
N HIS B 236 0.06 11.24 -8.30
CA HIS B 236 -0.68 12.29 -9.01
C HIS B 236 0.24 13.13 -9.90
N PHE B 237 1.33 13.61 -9.32
CA PHE B 237 2.24 14.48 -10.06
C PHE B 237 2.88 13.69 -11.22
N TYR B 238 3.24 12.44 -10.95
CA TYR B 238 3.88 11.58 -11.96
C TYR B 238 2.99 11.40 -13.20
N GLN B 239 1.69 11.23 -12.96
CA GLN B 239 0.75 11.05 -14.06
C GLN B 239 0.35 12.32 -14.77
N GLU B 240 0.12 13.39 -13.99
CA GLU B 240 -0.34 14.65 -14.58
C GLU B 240 0.76 15.35 -15.35
N ALA B 241 1.96 15.34 -14.77
CA ALA B 241 3.11 16.03 -15.34
C ALA B 241 2.78 17.45 -15.79
N ALA B 242 2.05 18.19 -14.96
CA ALA B 242 1.70 19.57 -15.27
C ALA B 242 2.93 20.47 -15.01
N PRO B 243 3.31 21.30 -16.00
CA PRO B 243 4.53 22.10 -15.85
C PRO B 243 4.42 23.16 -14.76
N ALA B 244 5.49 23.35 -14.00
CA ALA B 244 5.51 24.37 -12.97
C ALA B 244 5.72 25.72 -13.63
N GLN B 245 4.86 26.68 -13.28
CA GLN B 245 4.95 28.01 -13.88
C GLN B 245 5.77 28.99 -13.05
N SER B 246 6.20 28.56 -11.87
CA SER B 246 7.08 29.33 -11.01
C SER B 246 7.69 28.38 -9.98
N ASP B 247 8.49 28.91 -9.06
CA ASP B 247 9.19 28.08 -8.09
C ASP B 247 8.30 27.48 -7.00
N VAL B 248 7.14 28.09 -6.75
CA VAL B 248 6.30 27.72 -5.62
C VAL B 248 4.84 27.72 -5.99
N ALA B 249 4.13 26.64 -5.65
CA ALA B 249 2.68 26.58 -5.79
C ALA B 249 2.02 26.91 -4.45
N LEU B 250 1.24 27.98 -4.42
CA LEU B 250 0.50 28.38 -3.21
C LEU B 250 -0.74 27.50 -3.07
N LEU B 251 -0.80 26.76 -1.95
CA LEU B 251 -1.95 25.91 -1.64
C LEU B 251 -2.73 26.49 -0.46
N ARG B 252 -4.06 26.36 -0.52
CA ARG B 252 -4.95 26.68 0.60
C ARG B 252 -5.58 25.39 1.10
N PHE B 253 -5.62 25.21 2.42
CA PHE B 253 -6.28 24.05 3.04
C PHE B 253 -7.67 24.50 3.43
N VAL B 254 -8.66 23.85 2.84
CA VAL B 254 -10.05 24.30 2.89
C VAL B 254 -10.96 23.29 3.59
N ASN B 255 -11.92 23.80 4.36
CA ASN B 255 -13.02 22.98 4.84
C ASN B 255 -14.10 23.03 3.78
N PRO B 256 -14.40 21.89 3.14
CA PRO B 256 -15.34 21.89 2.01
C PRO B 256 -16.79 22.17 2.40
N ASP B 257 -17.10 22.07 3.70
CA ASP B 257 -18.44 22.33 4.20
C ASP B 257 -18.74 23.83 4.33
N THR B 258 -17.84 24.56 5.00
CA THR B 258 -17.99 26.01 5.18
C THR B 258 -17.35 26.80 4.03
N GLY B 259 -16.41 26.17 3.33
CA GLY B 259 -15.69 26.83 2.25
C GLY B 259 -14.56 27.71 2.75
N ARG B 260 -14.36 27.72 4.07
CA ARG B 260 -13.36 28.59 4.68
C ARG B 260 -11.96 28.01 4.57
N VAL B 261 -11.00 28.90 4.35
CA VAL B 261 -9.60 28.53 4.36
C VAL B 261 -9.11 28.43 5.82
N LEU B 262 -8.52 27.29 6.17
CA LEU B 262 -7.94 27.11 7.50
C LEU B 262 -6.53 27.66 7.60
N PHE B 263 -5.70 27.38 6.58
CA PHE B 263 -4.35 27.90 6.49
C PHE B 263 -3.88 27.81 5.05
N GLU B 264 -2.75 28.46 4.78
CA GLU B 264 -2.11 28.39 3.46
C GLU B 264 -0.64 27.98 3.61
N CYS B 265 -0.08 27.45 2.53
CA CYS B 265 1.28 26.90 2.55
C CYS B 265 1.92 27.00 1.18
N LYS B 266 3.23 26.78 1.14
CA LYS B 266 4.02 26.89 -0.08
C LYS B 266 4.51 25.51 -0.47
N LEU B 267 4.02 25.00 -1.59
CA LEU B 267 4.49 23.74 -2.16
C LEU B 267 5.60 24.09 -3.15
N HIS B 268 6.84 23.89 -2.71
CA HIS B 268 7.99 24.15 -3.58
C HIS B 268 8.02 23.16 -4.72
N LYS B 269 8.39 23.63 -5.92
CA LYS B 269 8.30 22.78 -7.12
C LYS B 269 9.16 21.51 -7.05
N SER B 270 10.21 21.54 -6.22
CA SER B 270 11.06 20.36 -6.04
C SER B 270 10.45 19.32 -5.09
N GLY B 271 9.29 19.64 -4.51
CA GLY B 271 8.46 18.65 -3.82
C GLY B 271 8.51 18.61 -2.31
N TYR B 272 8.27 19.74 -1.67
CA TYR B 272 8.10 19.77 -0.23
C TYR B 272 7.32 21.05 0.13
N ILE B 273 6.78 21.09 1.34
CA ILE B 273 5.92 22.19 1.78
C ILE B 273 6.50 22.96 2.98
N THR B 274 6.40 24.28 2.92
CA THR B 274 6.63 25.10 4.11
C THR B 274 5.38 25.88 4.53
N VAL B 275 5.32 26.16 5.84
CA VAL B 275 4.28 26.97 6.44
C VAL B 275 4.93 28.02 7.33
N ALA B 276 4.18 29.08 7.65
CA ALA B 276 4.67 30.13 8.56
C ALA B 276 4.30 29.74 9.99
N HIS B 277 5.23 29.06 10.66
CA HIS B 277 5.06 28.69 12.07
C HIS B 277 6.42 28.37 12.68
N THR B 278 6.51 28.55 13.99
CA THR B 278 7.71 28.22 14.76
C THR B 278 7.33 27.39 15.98
N GLY B 279 8.01 26.26 16.15
CA GLY B 279 7.73 25.32 17.23
C GLY B 279 6.92 24.12 16.78
N PRO B 280 6.84 23.10 17.65
CA PRO B 280 6.02 21.90 17.38
C PRO B 280 4.53 22.21 17.44
N TYR B 281 3.78 21.73 16.45
CA TYR B 281 2.34 21.98 16.38
C TYR B 281 1.65 20.86 15.60
N ASP B 282 0.74 20.16 16.29
CA ASP B 282 -0.19 19.22 15.69
C ASP B 282 -1.36 20.03 15.15
N LEU B 283 -1.47 20.13 13.83
CA LEU B 283 -2.47 21.02 13.25
C LEU B 283 -3.86 20.55 13.61
N VAL B 284 -4.71 21.50 13.97
CA VAL B 284 -6.11 21.24 14.29
C VAL B 284 -6.94 21.43 13.01
N ILE B 285 -7.41 20.31 12.45
CA ILE B 285 -8.10 20.31 11.16
C ILE B 285 -9.38 19.50 11.21
N PRO B 286 -10.38 19.88 10.40
CA PRO B 286 -11.55 19.01 10.22
C PRO B 286 -11.16 17.82 9.33
N PRO B 287 -11.72 16.64 9.60
CA PRO B 287 -11.30 15.44 8.87
C PRO B 287 -11.59 15.46 7.36
N ASN B 288 -12.56 16.27 6.92
CA ASN B 288 -12.86 16.39 5.50
C ASN B 288 -12.09 17.49 4.78
N GLY B 289 -11.13 18.11 5.46
CA GLY B 289 -10.37 19.20 4.86
C GLY B 289 -9.45 18.69 3.78
N TYR B 290 -9.12 19.54 2.81
CA TYR B 290 -8.22 19.14 1.72
C TYR B 290 -7.48 20.34 1.18
N PHE B 291 -6.36 20.08 0.53
CA PHE B 291 -5.52 21.09 -0.08
C PHE B 291 -6.03 21.45 -1.48
N ARG B 292 -5.94 22.74 -1.82
CA ARG B 292 -6.33 23.26 -3.12
C ARG B 292 -5.25 24.20 -3.68
N PHE B 293 -4.78 23.92 -4.90
CA PHE B 293 -3.84 24.81 -5.57
C PHE B 293 -4.53 26.10 -6.01
N ASP B 294 -3.96 27.24 -5.62
CA ASP B 294 -4.55 28.53 -5.98
C ASP B 294 -3.73 29.36 -6.98
N SER B 295 -2.42 29.46 -6.81
CA SER B 295 -1.62 30.24 -7.76
C SER B 295 -0.12 29.98 -7.66
N TRP B 296 0.60 30.42 -8.70
CA TRP B 296 2.05 30.28 -8.82
C TRP B 296 2.72 31.53 -8.25
N VAL B 297 3.55 31.33 -7.24
CA VAL B 297 4.21 32.43 -6.51
C VAL B 297 5.72 32.17 -6.42
N ASN B 298 6.47 33.01 -5.70
CA ASN B 298 7.93 32.80 -5.56
C ASN B 298 8.34 32.40 -4.15
N GLN B 299 9.64 32.15 -3.96
CA GLN B 299 10.16 31.63 -2.70
C GLN B 299 10.04 32.63 -1.57
N PHE B 300 9.84 33.90 -1.91
CA PHE B 300 9.79 34.97 -0.91
C PHE B 300 8.37 35.36 -0.54
N TYR B 301 7.38 34.62 -1.05
CA TYR B 301 5.99 34.90 -0.72
C TYR B 301 5.79 34.82 0.79
N THR B 302 5.25 35.87 1.39
CA THR B 302 5.02 35.90 2.84
C THR B 302 3.63 35.35 3.13
N LEU B 303 3.57 34.17 3.74
CA LEU B 303 2.31 33.51 4.03
C LEU B 303 1.56 34.17 5.17
N ALA B 304 0.23 34.05 5.15
CA ALA B 304 -0.55 34.31 6.34
C ALA B 304 -0.06 33.35 7.44
N PRO B 305 0.27 33.87 8.63
CA PRO B 305 0.72 33.00 9.71
C PRO B 305 -0.22 31.85 10.01
N MET B 306 0.36 30.68 10.27
CA MET B 306 -0.44 29.56 10.69
C MET B 306 -1.15 29.86 12.03
#